data_3UGL
#
_entry.id   3UGL
#
_cell.length_a   43.876
_cell.length_b   32.522
_cell.length_c   49.816
_cell.angle_alpha   90.00
_cell.angle_beta   94.02
_cell.angle_gamma   90.00
#
_symmetry.space_group_name_H-M   'P 1 21 1'
#
loop_
_entity.id
_entity.type
_entity.pdbx_description
1 polymer 'Proteine kinase C delta type'
2 non-polymer 'ZINC ION'
3 non-polymer cyclopropylmethanol
4 non-polymer 'PHOSPHATE ION'
5 water water
#
_entity_poly.entity_id   1
_entity_poly.type   'polypeptide(L)'
_entity_poly.pdbx_seq_one_letter_code
;GSRRASVGSHRFKVYNYMSPTFCDHCGSLLWGLVKQGLKCEDCGMNVHHKCREKVANLCEFIVTD
;
_entity_poly.pdbx_strand_id   A,B
#
# COMPACT_ATOMS: atom_id res chain seq x y z
N GLY A 1 4.06 12.42 2.86
CA GLY A 1 3.15 11.29 2.95
C GLY A 1 1.70 11.73 2.84
N SER A 2 0.84 10.81 2.43
CA SER A 2 -0.59 11.08 2.26
C SER A 2 -1.37 10.04 3.05
N ARG A 3 -2.70 10.13 3.04
CA ARG A 3 -3.54 9.08 3.63
C ARG A 3 -3.48 7.89 2.70
N ARG A 4 -3.02 6.76 3.21
CA ARG A 4 -2.69 5.64 2.35
C ARG A 4 -2.54 4.40 3.22
N ALA A 5 -2.92 3.26 2.66
CA ALA A 5 -2.75 1.98 3.35
C ALA A 5 -2.04 0.99 2.44
N SER A 6 -1.26 0.12 3.07
CA SER A 6 -0.69 -1.02 2.39
C SER A 6 -1.56 -2.23 2.73
N VAL A 7 -2.00 -2.95 1.70
CA VAL A 7 -2.99 -4.02 1.89
C VAL A 7 -2.55 -5.28 1.16
N GLY A 8 -2.51 -6.39 1.88
CA GLY A 8 -2.04 -7.62 1.28
C GLY A 8 -2.28 -8.77 2.23
N SER A 9 -1.42 -9.78 2.17
CA SER A 9 -1.45 -10.87 3.13
C SER A 9 -0.17 -10.87 3.96
N HIS A 10 -0.20 -11.43 5.16
CA HIS A 10 0.99 -11.41 6.01
C HIS A 10 2.17 -12.11 5.35
N ARG A 11 3.38 -11.71 5.74
CA ARG A 11 4.62 -12.32 5.29
C ARG A 11 5.42 -12.69 6.56
N PHE A 12 5.03 -13.78 7.20
CA PHE A 12 5.68 -14.19 8.46
C PHE A 12 7.05 -14.81 8.24
N LYS A 13 7.99 -14.38 9.07
CA LYS A 13 9.34 -14.95 9.07
C LYS A 13 9.70 -15.31 10.51
N VAL A 14 10.41 -16.43 10.70
CA VAL A 14 10.89 -16.79 12.01
C VAL A 14 11.73 -15.64 12.59
N TYR A 15 11.48 -15.30 13.84
CA TYR A 15 12.14 -14.13 14.44
C TYR A 15 12.78 -14.48 15.77
N ASN A 16 13.90 -13.81 16.06
CA ASN A 16 14.62 -14.05 17.31
C ASN A 16 14.46 -12.84 18.20
N TYR A 17 13.55 -12.95 19.17
CA TYR A 17 13.21 -11.84 20.07
C TYR A 17 14.26 -11.60 21.15
N MET A 18 14.65 -10.34 21.33
CA MET A 18 15.68 -9.96 22.29
C MET A 18 15.09 -9.53 23.61
N SER A 19 13.79 -9.27 23.62
CA SER A 19 13.07 -8.87 24.82
CA SER A 19 13.08 -8.88 24.83
C SER A 19 11.81 -9.72 24.96
N PRO A 20 11.31 -9.87 26.19
CA PRO A 20 10.08 -10.63 26.40
C PRO A 20 8.93 -10.09 25.55
N THR A 21 8.32 -10.96 24.76
CA THR A 21 7.33 -10.53 23.78
C THR A 21 6.16 -11.48 23.84
N PHE A 22 4.95 -10.96 23.68
CA PHE A 22 3.75 -11.77 23.72
C PHE A 22 3.17 -12.04 22.33
N CYS A 23 2.40 -13.11 22.21
CA CYS A 23 1.72 -13.42 20.95
C CYS A 23 0.56 -12.43 20.75
N ASP A 24 0.54 -11.80 19.56
CA ASP A 24 -0.52 -10.84 19.23
C ASP A 24 -1.86 -11.52 18.92
N HIS A 25 -1.84 -12.84 18.77
CA HIS A 25 -3.08 -13.59 18.62
C HIS A 25 -3.66 -14.08 19.97
N CYS A 26 -2.88 -14.84 20.74
CA CYS A 26 -3.41 -15.51 21.92
C CYS A 26 -3.03 -14.86 23.25
N GLY A 27 -2.02 -14.00 23.23
CA GLY A 27 -1.60 -13.30 24.43
C GLY A 27 -0.58 -14.00 25.33
N SER A 28 -0.25 -15.26 25.05
CA SER A 28 0.75 -15.93 25.87
C SER A 28 2.16 -15.50 25.44
N LEU A 29 3.10 -15.55 26.39
CA LEU A 29 4.50 -15.24 26.16
C LEU A 29 5.04 -16.08 24.99
N LEU A 30 5.85 -15.45 24.15
CA LEU A 30 6.63 -16.19 23.15
C LEU A 30 7.83 -16.80 23.87
N TRP A 31 7.67 -18.05 24.31
CA TRP A 31 8.68 -18.74 25.12
C TRP A 31 9.98 -19.00 24.38
N GLY A 32 11.09 -19.03 25.11
CA GLY A 32 12.38 -19.40 24.55
C GLY A 32 13.35 -18.24 24.49
N LEU A 33 14.60 -18.54 24.15
CA LEU A 33 15.59 -17.47 24.01
C LEU A 33 15.89 -17.13 22.56
N VAL A 34 15.52 -18.02 21.65
CA VAL A 34 15.66 -17.78 20.21
C VAL A 34 14.48 -18.36 19.44
N LYS A 35 14.28 -17.89 18.22
CA LYS A 35 13.25 -18.43 17.33
C LYS A 35 11.92 -18.65 18.04
N GLN A 36 11.51 -17.67 18.83
CA GLN A 36 10.36 -17.83 19.70
C GLN A 36 9.04 -17.71 18.97
N GLY A 37 9.07 -17.17 17.76
CA GLY A 37 7.83 -17.00 17.02
C GLY A 37 8.08 -16.47 15.65
N LEU A 38 7.01 -15.98 15.03
CA LEU A 38 7.07 -15.43 13.69
C LEU A 38 6.67 -13.97 13.74
N LYS A 39 7.36 -13.13 12.99
CA LYS A 39 7.00 -11.72 12.90
C LYS A 39 6.70 -11.41 11.45
N CYS A 40 5.58 -10.72 11.21
CA CYS A 40 5.26 -10.33 9.84
C CYS A 40 6.21 -9.21 9.40
N GLU A 41 6.88 -9.43 8.26
CA GLU A 41 7.86 -8.48 7.75
C GLU A 41 7.23 -7.17 7.35
N ASP A 42 5.92 -7.19 7.13
CA ASP A 42 5.21 -6.00 6.65
C ASP A 42 4.55 -5.18 7.74
N CYS A 43 3.81 -5.85 8.63
CA CYS A 43 3.01 -5.14 9.62
C CYS A 43 3.51 -5.31 11.05
N GLY A 44 4.44 -6.25 11.26
CA GLY A 44 5.03 -6.43 12.58
C GLY A 44 4.31 -7.35 13.54
N MET A 45 3.19 -7.95 13.12
CA MET A 45 2.47 -8.86 13.99
C MET A 45 3.39 -9.98 14.44
N ASN A 46 3.32 -10.31 15.74
CA ASN A 46 4.11 -11.39 16.35
C ASN A 46 3.20 -12.57 16.70
N VAL A 47 3.53 -13.79 16.28
CA VAL A 47 2.70 -14.92 16.69
C VAL A 47 3.53 -16.13 17.05
N HIS A 48 2.99 -16.98 17.93
CA HIS A 48 3.57 -18.30 18.12
C HIS A 48 3.54 -19.06 16.82
N HIS A 49 4.49 -19.96 16.64
CA HIS A 49 4.43 -20.90 15.53
C HIS A 49 3.04 -21.54 15.44
N LYS A 50 2.52 -22.04 16.55
CA LYS A 50 1.24 -22.75 16.52
C LYS A 50 0.05 -21.84 16.26
N CYS A 51 0.24 -20.53 16.42
CA CYS A 51 -0.86 -19.60 16.22
C CYS A 51 -0.92 -19.08 14.77
N ARG A 52 0.09 -19.39 13.97
CA ARG A 52 0.09 -18.96 12.57
C ARG A 52 -1.19 -19.39 11.84
N GLU A 53 -1.62 -20.63 12.02
CA GLU A 53 -2.83 -21.09 11.31
C GLU A 53 -4.13 -20.59 11.91
N LYS A 54 -4.05 -19.89 13.03
CA LYS A 54 -5.24 -19.38 13.68
C LYS A 54 -5.55 -17.94 13.31
N VAL A 55 -4.61 -17.27 12.67
CA VAL A 55 -4.80 -15.85 12.36
C VAL A 55 -5.24 -15.65 10.92
N ALA A 56 -6.03 -14.62 10.68
CA ALA A 56 -6.46 -14.29 9.33
C ALA A 56 -5.25 -13.87 8.51
N ASN A 57 -5.28 -14.13 7.20
CA ASN A 57 -4.12 -13.76 6.39
C ASN A 57 -4.07 -12.26 6.09
N LEU A 58 -5.19 -11.56 6.22
CA LEU A 58 -5.24 -10.15 5.87
C LEU A 58 -4.21 -9.31 6.63
N CYS A 59 -3.45 -8.51 5.88
CA CYS A 59 -2.38 -7.70 6.44
C CYS A 59 -2.51 -6.29 5.90
N GLU A 60 -2.82 -5.35 6.78
CA GLU A 60 -3.02 -3.95 6.39
C GLU A 60 -2.32 -3.05 7.38
N PHE A 61 -1.79 -1.94 6.89
CA PHE A 61 -1.27 -0.92 7.77
C PHE A 61 -1.27 0.43 7.08
N ILE A 62 -1.39 1.48 7.89
CA ILE A 62 -1.39 2.83 7.36
C ILE A 62 0.05 3.22 7.07
N VAL A 63 0.28 3.79 5.89
CA VAL A 63 1.63 4.18 5.52
C VAL A 63 1.77 5.69 5.62
N THR A 64 2.72 6.13 6.44
CA THR A 64 2.89 7.54 6.74
C THR A 64 4.18 8.07 6.12
N ASP A 65 4.91 7.18 5.46
CA ASP A 65 6.14 7.53 4.74
C ASP A 65 5.85 7.91 3.30
N GLY B 1 -3.51 -16.57 -1.05
CA GLY B 1 -2.49 -15.55 -1.13
C GLY B 1 -3.02 -14.33 -1.83
N SER B 2 -2.28 -13.23 -1.79
CA SER B 2 -2.70 -12.05 -2.53
C SER B 2 -1.53 -11.12 -2.84
N ARG B 3 -1.75 -10.25 -3.81
CA ARG B 3 -0.81 -9.19 -4.11
C ARG B 3 -0.84 -8.19 -2.97
N ARG B 4 0.21 -7.38 -2.89
CA ARG B 4 0.22 -6.24 -1.99
C ARG B 4 -0.08 -4.99 -2.80
N ALA B 5 -0.99 -4.18 -2.28
CA ALA B 5 -1.40 -2.99 -2.99
C ALA B 5 -1.27 -1.77 -2.08
N SER B 6 -1.03 -0.63 -2.72
CA SER B 6 -1.08 0.67 -2.05
C SER B 6 -2.43 1.28 -2.38
N VAL B 7 -3.21 1.61 -1.35
CA VAL B 7 -4.59 2.01 -1.51
C VAL B 7 -4.86 3.35 -0.85
N GLY B 8 -5.59 4.22 -1.54
CA GLY B 8 -5.99 5.48 -0.95
C GLY B 8 -6.89 6.21 -1.93
N SER B 9 -6.78 7.52 -1.96
CA SER B 9 -7.46 8.32 -2.98
CA SER B 9 -7.46 8.33 -2.97
C SER B 9 -6.43 9.00 -3.86
N HIS B 10 -6.83 9.40 -5.06
CA HIS B 10 -5.86 10.03 -5.95
C HIS B 10 -5.27 11.30 -5.33
N ARG B 11 -4.06 11.63 -5.79
CA ARG B 11 -3.35 12.84 -5.42
C ARG B 11 -2.89 13.54 -6.70
N PHE B 12 -3.81 14.25 -7.35
CA PHE B 12 -3.53 14.85 -8.65
C PHE B 12 -2.68 16.12 -8.53
N LYS B 13 -1.70 16.26 -9.41
CA LYS B 13 -0.84 17.44 -9.47
C LYS B 13 -0.60 17.84 -10.92
N VAL B 14 -0.62 19.15 -11.20
CA VAL B 14 -0.41 19.61 -12.56
C VAL B 14 0.92 19.08 -13.09
N TYR B 15 0.94 18.65 -14.35
CA TYR B 15 2.09 17.98 -14.92
C TYR B 15 2.38 18.54 -16.32
N ASN B 16 3.66 18.61 -16.67
CA ASN B 16 4.10 19.03 -18.01
C ASN B 16 4.36 17.81 -18.87
N TYR B 17 3.43 17.49 -19.75
CA TYR B 17 3.59 16.32 -20.60
C TYR B 17 4.53 16.65 -21.78
N MET B 18 5.55 15.81 -21.98
CA MET B 18 6.59 16.10 -22.97
C MET B 18 6.30 15.46 -24.33
N SER B 19 5.25 14.66 -24.35
CA SER B 19 4.76 14.00 -25.56
CA SER B 19 4.76 14.04 -25.58
C SER B 19 3.24 14.11 -25.56
N PRO B 20 2.61 14.05 -26.74
CA PRO B 20 1.14 14.10 -26.70
C PRO B 20 0.56 12.96 -25.87
N THR B 21 -0.37 13.31 -24.99
CA THR B 21 -0.88 12.40 -23.97
C THR B 21 -2.38 12.58 -23.89
N PHE B 22 -3.08 11.50 -23.60
CA PHE B 22 -4.54 11.51 -23.59
C PHE B 22 -5.07 11.40 -22.17
N CYS B 23 -6.30 11.89 -21.99
CA CYS B 23 -6.97 11.78 -20.69
C CYS B 23 -7.36 10.31 -20.45
N ASP B 24 -6.95 9.76 -19.30
CA ASP B 24 -7.29 8.39 -18.96
C ASP B 24 -8.76 8.20 -18.60
N HIS B 25 -9.47 9.30 -18.35
CA HIS B 25 -10.92 9.24 -18.13
C HIS B 25 -11.73 9.29 -19.43
N CYS B 26 -11.54 10.34 -20.23
CA CYS B 26 -12.45 10.61 -21.35
C CYS B 26 -11.87 10.26 -22.72
N GLY B 27 -10.55 10.12 -22.82
CA GLY B 27 -9.92 9.73 -24.07
C GLY B 27 -9.51 10.87 -25.00
N SER B 28 -9.90 12.11 -24.68
CA SER B 28 -9.46 13.21 -25.52
C SER B 28 -8.03 13.65 -25.18
N LEU B 29 -7.36 14.25 -26.15
CA LEU B 29 -6.02 14.78 -25.98
C LEU B 29 -5.94 15.76 -24.82
N LEU B 30 -4.86 15.69 -24.05
CA LEU B 30 -4.54 16.75 -23.10
C LEU B 30 -3.92 17.91 -23.89
N TRP B 31 -4.75 18.87 -24.25
CA TRP B 31 -4.36 19.93 -25.17
C TRP B 31 -3.23 20.83 -24.65
N GLY B 32 -2.39 21.29 -25.56
CA GLY B 32 -1.31 22.21 -25.20
C GLY B 32 0.06 21.58 -25.12
N LEU B 33 1.07 22.39 -24.83
CA LEU B 33 2.44 21.90 -24.74
C LEU B 33 2.98 21.90 -23.31
N VAL B 34 2.27 22.55 -22.39
CA VAL B 34 2.67 22.59 -20.98
C VAL B 34 1.44 22.59 -20.06
N LYS B 35 1.63 22.11 -18.84
CA LYS B 35 0.56 22.09 -17.84
C LYS B 35 -0.77 21.58 -18.40
N GLN B 36 -0.71 20.53 -19.22
CA GLN B 36 -1.89 20.13 -19.99
C GLN B 36 -2.94 19.43 -19.16
N GLY B 37 -2.55 18.89 -18.02
CA GLY B 37 -3.49 18.14 -17.21
C GLY B 37 -2.85 17.81 -15.89
N LEU B 38 -3.44 16.86 -15.17
CA LEU B 38 -2.91 16.47 -13.88
C LEU B 38 -2.56 15.00 -13.89
N LYS B 39 -1.46 14.68 -13.22
CA LYS B 39 -1.04 13.29 -13.05
C LYS B 39 -1.13 12.93 -11.57
N CYS B 40 -1.74 11.78 -11.28
CA CYS B 40 -1.79 11.34 -9.90
C CYS B 40 -0.39 10.95 -9.44
N GLU B 41 0.06 11.57 -8.32
CA GLU B 41 1.41 11.35 -7.81
C GLU B 41 1.60 9.91 -7.36
N ASP B 42 0.51 9.20 -7.11
CA ASP B 42 0.60 7.84 -6.61
C ASP B 42 0.47 6.77 -7.69
N CYS B 43 -0.52 6.89 -8.56
CA CYS B 43 -0.78 5.81 -9.54
C CYS B 43 -0.52 6.19 -10.98
N GLY B 44 -0.25 7.47 -11.24
CA GLY B 44 0.07 7.91 -12.60
C GLY B 44 -1.10 8.25 -13.51
N MET B 45 -2.34 8.14 -13.02
CA MET B 45 -3.48 8.49 -13.85
C MET B 45 -3.37 9.91 -14.36
N ASN B 46 -3.67 10.12 -15.63
CA ASN B 46 -3.62 11.43 -16.28
C ASN B 46 -5.03 11.91 -16.56
N VAL B 47 -5.37 13.12 -16.14
CA VAL B 47 -6.70 13.63 -16.42
C VAL B 47 -6.69 15.10 -16.84
N HIS B 48 -7.68 15.48 -17.65
CA HIS B 48 -7.97 16.91 -17.83
C HIS B 48 -8.36 17.52 -16.51
N HIS B 49 -8.13 18.81 -16.35
CA HIS B 49 -8.68 19.51 -15.18
C HIS B 49 -10.18 19.20 -14.99
N LYS B 50 -10.96 19.32 -16.06
CA LYS B 50 -12.39 19.13 -15.95
C LYS B 50 -12.76 17.69 -15.59
N CYS B 51 -11.90 16.74 -15.93
CA CYS B 51 -12.20 15.35 -15.66
C CYS B 51 -11.81 14.94 -14.23
N ARG B 52 -11.05 15.78 -13.55
CA ARG B 52 -10.75 15.56 -12.13
C ARG B 52 -12.04 15.36 -11.33
N GLU B 53 -13.06 16.14 -11.70
CA GLU B 53 -14.38 16.11 -11.07
C GLU B 53 -15.19 14.85 -11.39
N LYS B 54 -14.75 14.10 -12.39
CA LYS B 54 -15.56 13.02 -12.92
C LYS B 54 -15.08 11.64 -12.50
N VAL B 55 -13.80 11.53 -12.12
CA VAL B 55 -13.24 10.23 -11.81
C VAL B 55 -13.55 9.83 -10.38
N ALA B 56 -13.65 8.52 -10.15
CA ALA B 56 -13.75 8.01 -8.78
C ALA B 56 -12.48 8.37 -8.02
N ASN B 57 -12.61 8.58 -6.71
CA ASN B 57 -11.45 8.91 -5.90
C ASN B 57 -10.51 7.72 -5.69
N LEU B 58 -11.05 6.52 -5.79
CA LEU B 58 -10.28 5.31 -5.49
C LEU B 58 -8.97 5.22 -6.27
N CYS B 59 -7.88 5.10 -5.52
CA CYS B 59 -6.54 5.03 -6.11
C CYS B 59 -5.81 3.81 -5.58
N GLU B 60 -5.51 2.86 -6.45
CA GLU B 60 -4.85 1.64 -6.05
C GLU B 60 -3.77 1.27 -7.07
N PHE B 61 -2.67 0.68 -6.59
CA PHE B 61 -1.67 0.10 -7.47
C PHE B 61 -0.97 -1.05 -6.77
N ILE B 62 -0.50 -2.00 -7.56
CA ILE B 62 0.23 -3.16 -7.04
C ILE B 62 1.66 -2.76 -6.77
N VAL B 63 2.17 -3.10 -5.58
CA VAL B 63 3.53 -2.67 -5.25
C VAL B 63 4.51 -3.80 -5.53
N THR B 64 5.37 -3.57 -6.52
CA THR B 64 6.31 -4.59 -6.97
C THR B 64 7.75 -4.26 -6.56
N ASP B 65 7.91 -3.18 -5.79
CA ASP B 65 9.23 -2.78 -5.31
C ASP B 65 9.42 -3.13 -3.83
#